data_5TX4
#
_entry.id   5TX4
#
_cell.length_a   39.019
_cell.length_b   70.772
_cell.length_c   77.116
_cell.angle_alpha   90.00
_cell.angle_beta   90.00
_cell.angle_gamma   90.00
#
_symmetry.space_group_name_H-M   'P 21 21 21'
#
loop_
_entity.id
_entity.type
_entity.pdbx_description
1 polymer 'TGF-beta receptor type-2'
2 polymer 'Transforming growth factor beta-2'
3 water water
#
loop_
_entity_poly.entity_id
_entity_poly.type
_entity_poly.pdbx_seq_one_letter_code
_entity_poly.pdbx_strand_id
1 'polypeptide(L)'
;VTDNNGAVKFPQLCKFCDVRFSTCDNQKSCMSNCSITSICEKPQEVCVAVWRKNDENITLETVCHDPKLPYHDFILEDAA
SPKCIMKEKKKPGETFFMCSCSSDECNDNIIFSEEY
;
A
2 'polypeptide(L)'
;ALDAAYCFRNVQDNCCLRPLYIDFRKDLGWKWIHEPKGYNANFCAGACPYRASKSPSCVSQDLEPLTIVYYVGRKPKVEQ
LSNMIVKSCKCS
;
B
#
# COMPACT_ATOMS: atom_id res chain seq x y z
N ALA A 7 -0.21 -5.53 -22.04
CA ALA A 7 0.91 -6.42 -22.34
C ALA A 7 1.20 -7.32 -21.14
N VAL A 8 1.68 -6.75 -20.03
CA VAL A 8 2.17 -7.52 -18.88
C VAL A 8 1.15 -7.46 -17.74
N LYS A 9 0.99 -8.59 -17.07
CA LYS A 9 0.18 -8.67 -15.85
C LYS A 9 1.05 -8.26 -14.67
N PHE A 10 0.66 -7.20 -13.97
CA PHE A 10 1.39 -6.78 -12.79
C PHE A 10 0.97 -7.60 -11.58
N PRO A 11 1.81 -7.70 -10.56
CA PRO A 11 1.43 -8.47 -9.37
C PRO A 11 0.29 -7.81 -8.61
N GLN A 12 -0.53 -8.67 -8.02
CA GLN A 12 -1.56 -8.23 -7.11
C GLN A 12 -0.93 -7.63 -5.86
N LEU A 13 -1.65 -6.73 -5.20
CA LEU A 13 -1.36 -6.36 -3.83
C LEU A 13 -2.27 -7.16 -2.91
N CYS A 14 -1.70 -7.77 -1.89
CA CYS A 14 -2.51 -8.57 -0.96
C CYS A 14 -2.03 -8.36 0.46
N LYS A 15 -2.96 -8.44 1.42
CA LYS A 15 -2.52 -8.56 2.79
C LYS A 15 -1.71 -9.84 2.92
N PHE A 16 -0.55 -9.76 3.60
CA PHE A 16 0.36 -10.91 3.70
C PHE A 16 1.03 -10.99 5.08
N CYS A 17 0.21 -11.14 6.13
CA CYS A 17 0.69 -11.27 7.49
C CYS A 17 0.90 -12.71 7.91
N ASP A 18 0.62 -13.67 7.04
CA ASP A 18 0.68 -15.09 7.38
C ASP A 18 -0.33 -15.30 8.51
N VAL A 19 -0.06 -16.22 9.44
CA VAL A 19 -1.01 -16.54 10.50
C VAL A 19 -0.93 -15.48 11.58
N ARG A 20 -2.08 -14.87 11.90
CA ARG A 20 -2.26 -13.95 13.01
C ARG A 20 -3.37 -14.44 13.92
N PHE A 21 -3.24 -14.15 15.21
CA PHE A 21 -4.37 -14.36 16.09
C PHE A 21 -5.42 -13.30 15.77
N SER A 22 -6.68 -13.70 15.80
CA SER A 22 -7.76 -12.83 15.40
C SER A 22 -8.78 -12.70 16.50
N THR A 23 -9.36 -11.50 16.60
CA THR A 23 -10.52 -11.22 17.43
C THR A 23 -11.82 -11.40 16.66
N CYS A 24 -11.73 -11.78 15.40
CA CYS A 24 -12.90 -11.87 14.54
C CYS A 24 -13.65 -13.13 14.89
N ASP A 25 -14.80 -12.98 15.54
CA ASP A 25 -15.68 -14.12 15.79
C ASP A 25 -17.09 -13.59 15.93
N ASN A 26 -18.08 -14.42 15.58
CA ASN A 26 -19.48 -14.01 15.64
C ASN A 26 -19.72 -12.68 14.92
N GLN A 27 -19.19 -12.54 13.71
CA GLN A 27 -19.42 -11.36 12.89
C GLN A 27 -19.73 -11.77 11.47
N LYS A 28 -20.58 -10.99 10.80
CA LYS A 28 -20.88 -11.22 9.38
C LYS A 28 -19.69 -10.86 8.51
N SER A 29 -18.84 -9.95 8.96
CA SER A 29 -17.65 -9.62 8.21
C SER A 29 -16.64 -9.02 9.18
N CYS A 30 -15.39 -9.02 8.74
CA CYS A 30 -14.28 -8.64 9.60
C CYS A 30 -13.23 -7.96 8.76
N MET A 31 -12.54 -7.01 9.36
CA MET A 31 -11.31 -6.51 8.76
C MET A 31 -10.15 -7.40 9.20
N SER A 32 -9.15 -7.52 8.32
CA SER A 32 -8.03 -8.42 8.62
C SER A 32 -7.16 -7.89 9.77
N ASN A 33 -7.10 -6.58 9.95
CA ASN A 33 -6.20 -5.97 10.93
C ASN A 33 -4.75 -6.36 10.64
N CYS A 34 -4.45 -6.61 9.37
CA CYS A 34 -3.10 -6.88 8.88
C CYS A 34 -2.52 -5.61 8.28
N SER A 35 -1.42 -5.12 8.85
CA SER A 35 -0.79 -3.92 8.34
C SER A 35 0.13 -4.17 7.16
N ILE A 36 0.32 -5.41 6.72
CA ILE A 36 1.26 -5.72 5.66
C ILE A 36 0.48 -5.87 4.36
N THR A 37 0.48 -4.83 3.53
CA THR A 37 0.08 -4.94 2.13
C THR A 37 1.31 -5.25 1.29
N SER A 38 1.35 -6.43 0.71
CA SER A 38 2.49 -6.93 -0.03
C SER A 38 2.26 -6.92 -1.54
N ILE A 39 3.34 -6.66 -2.26
CA ILE A 39 3.42 -6.91 -3.69
C ILE A 39 3.69 -8.40 -3.84
N CYS A 40 2.70 -9.15 -4.32
CA CYS A 40 2.93 -10.57 -4.55
C CYS A 40 4.17 -10.80 -5.42
N GLU A 41 4.96 -11.82 -5.06
CA GLU A 41 6.20 -12.10 -5.77
C GLU A 41 5.96 -12.48 -7.23
N LYS A 42 4.87 -13.19 -7.51
CA LYS A 42 4.62 -13.71 -8.85
C LYS A 42 3.31 -13.16 -9.39
N PRO A 43 3.25 -12.84 -10.69
CA PRO A 43 2.07 -12.14 -11.22
C PRO A 43 0.82 -12.98 -11.28
N GLN A 44 0.91 -14.31 -11.25
CA GLN A 44 -0.32 -15.11 -11.22
C GLN A 44 -0.89 -15.32 -9.82
N GLU A 45 -0.19 -14.87 -8.78
CA GLU A 45 -0.72 -15.05 -7.43
C GLU A 45 -1.94 -14.18 -7.19
N VAL A 46 -2.85 -14.67 -6.34
CA VAL A 46 -4.06 -13.96 -5.93
C VAL A 46 -4.02 -13.90 -4.40
N CYS A 47 -4.93 -13.14 -3.84
CA CYS A 47 -5.01 -12.98 -2.39
C CYS A 47 -5.80 -14.10 -1.77
N VAL A 48 -5.42 -14.50 -0.57
CA VAL A 48 -6.10 -15.55 0.16
C VAL A 48 -6.27 -15.15 1.61
N ALA A 49 -7.40 -15.53 2.19
CA ALA A 49 -7.56 -15.46 3.65
C ALA A 49 -8.14 -16.76 4.19
N VAL A 50 -7.66 -17.16 5.36
CA VAL A 50 -8.08 -18.40 6.00
C VAL A 50 -8.40 -18.06 7.44
N TRP A 51 -9.62 -18.35 7.86
CA TRP A 51 -10.09 -18.13 9.22
C TRP A 51 -10.30 -19.51 9.86
N ARG A 52 -9.71 -19.75 11.02
CA ARG A 52 -9.78 -21.07 11.64
C ARG A 52 -10.01 -20.89 13.12
N LYS A 53 -10.88 -21.72 13.67
CA LYS A 53 -11.13 -21.70 15.11
C LYS A 53 -10.96 -23.12 15.58
N ASN A 54 -10.04 -23.34 16.50
CA ASN A 54 -9.90 -24.66 17.09
C ASN A 54 -10.20 -24.52 18.58
N ASP A 55 -9.87 -25.56 19.32
CA ASP A 55 -10.14 -25.59 20.75
C ASP A 55 -9.26 -24.59 21.52
N GLU A 56 -8.25 -24.01 20.90
CA GLU A 56 -7.36 -23.14 21.63
C GLU A 56 -7.38 -21.68 21.21
N ASN A 57 -7.67 -21.37 19.95
CA ASN A 57 -7.60 -19.98 19.53
C ASN A 57 -8.27 -19.81 18.16
N ILE A 58 -8.40 -18.54 17.76
CA ILE A 58 -8.89 -18.12 16.45
C ILE A 58 -7.72 -17.49 15.72
N THR A 59 -7.48 -17.92 14.46
CA THR A 59 -6.43 -17.34 13.65
C THR A 59 -7.01 -16.90 12.32
N LEU A 60 -6.39 -15.85 11.76
CA LEU A 60 -6.68 -15.42 10.39
C LEU A 60 -5.35 -15.37 9.67
N GLU A 61 -5.25 -16.09 8.57
CA GLU A 61 -4.05 -16.15 7.76
C GLU A 61 -4.30 -15.38 6.47
N THR A 62 -3.40 -14.46 6.12
CA THR A 62 -3.43 -13.72 4.85
C THR A 62 -2.15 -13.97 4.06
N VAL A 63 -2.30 -14.35 2.78
CA VAL A 63 -1.14 -14.66 1.95
C VAL A 63 -1.47 -14.31 0.52
N CYS A 64 -0.41 -14.21 -0.28
CA CYS A 64 -0.46 -14.33 -1.73
C CYS A 64 -0.30 -15.80 -2.06
N HIS A 65 -1.00 -16.28 -3.09
CA HIS A 65 -0.87 -17.68 -3.45
C HIS A 65 -1.25 -17.91 -4.91
N ASP A 66 -0.51 -18.77 -5.57
CA ASP A 66 -0.81 -19.23 -6.93
C ASP A 66 -2.04 -20.14 -6.95
N PRO A 67 -3.16 -19.72 -7.54
CA PRO A 67 -4.39 -20.51 -7.46
C PRO A 67 -4.43 -21.76 -8.31
N LYS A 68 -3.36 -22.10 -9.01
CA LYS A 68 -3.31 -23.44 -9.57
C LYS A 68 -2.63 -24.40 -8.62
N LEU A 69 -2.19 -23.94 -7.51
CA LEU A 69 -1.69 -24.83 -6.50
C LEU A 69 -2.71 -24.95 -5.38
N PRO A 70 -2.85 -26.11 -4.76
CA PRO A 70 -3.73 -26.21 -3.58
C PRO A 70 -3.16 -25.40 -2.42
N TYR A 71 -4.05 -25.04 -1.51
CA TYR A 71 -3.67 -24.44 -0.25
C TYR A 71 -4.48 -25.10 0.86
N HIS A 72 -3.79 -25.55 1.91
CA HIS A 72 -4.41 -26.35 2.96
C HIS A 72 -5.21 -27.50 2.36
N ASP A 73 -4.76 -27.99 1.21
CA ASP A 73 -5.30 -29.18 0.56
C ASP A 73 -6.66 -28.93 -0.08
N PHE A 74 -6.96 -27.68 -0.42
CA PHE A 74 -8.17 -27.32 -1.12
C PHE A 74 -7.79 -26.55 -2.39
N ILE A 75 -8.70 -26.55 -3.36
CA ILE A 75 -8.52 -25.81 -4.60
C ILE A 75 -9.21 -24.46 -4.48
N LEU A 76 -8.52 -23.42 -4.91
CA LEU A 76 -9.04 -22.06 -4.81
C LEU A 76 -9.93 -21.80 -6.01
N GLU A 77 -11.20 -22.18 -5.89
CA GLU A 77 -12.14 -22.07 -7.00
C GLU A 77 -12.67 -20.65 -7.20
N ASP A 78 -12.53 -19.78 -6.21
CA ASP A 78 -13.13 -18.45 -6.25
C ASP A 78 -12.14 -17.35 -6.62
N ALA A 79 -10.99 -17.73 -7.18
CA ALA A 79 -9.90 -16.76 -7.36
C ALA A 79 -10.30 -15.59 -8.27
N ALA A 80 -11.22 -15.78 -9.22
CA ALA A 80 -11.62 -14.67 -10.08
C ALA A 80 -12.45 -13.61 -9.37
N SER A 81 -12.99 -13.91 -8.19
CA SER A 81 -13.82 -12.96 -7.47
C SER A 81 -13.00 -11.72 -7.06
N PRO A 82 -13.57 -10.52 -7.20
CA PRO A 82 -12.92 -9.33 -6.63
C PRO A 82 -13.05 -9.24 -5.12
N LYS A 83 -13.97 -10.00 -4.51
CA LYS A 83 -14.18 -9.91 -3.05
C LYS A 83 -13.89 -11.24 -2.37
N CYS A 84 -13.50 -11.14 -1.09
CA CYS A 84 -13.18 -12.32 -0.29
C CYS A 84 -14.44 -12.78 0.42
N ILE A 85 -15.09 -13.75 -0.18
CA ILE A 85 -16.29 -14.38 0.36
C ILE A 85 -15.86 -15.69 0.98
N MET A 86 -15.86 -15.73 2.30
CA MET A 86 -15.42 -16.92 3.02
C MET A 86 -16.38 -18.07 2.79
N LYS A 87 -15.80 -19.23 2.53
CA LYS A 87 -16.56 -20.43 2.26
C LYS A 87 -16.04 -21.50 3.19
N GLU A 88 -16.96 -22.19 3.85
CA GLU A 88 -16.59 -23.18 4.87
C GLU A 88 -16.06 -24.46 4.24
N LYS A 89 -15.01 -25.01 4.86
CA LYS A 89 -14.46 -26.30 4.50
C LYS A 89 -14.43 -27.16 5.75
N LYS A 90 -14.63 -28.46 5.58
CA LYS A 90 -14.61 -29.35 6.72
C LYS A 90 -13.20 -29.88 6.90
N LYS A 91 -12.76 -29.90 8.15
CA LYS A 91 -11.39 -30.12 8.54
C LYS A 91 -11.41 -30.67 9.97
N PRO A 92 -10.80 -31.84 10.22
CA PRO A 92 -10.89 -32.45 11.56
C PRO A 92 -10.57 -31.52 12.72
N GLY A 93 -11.55 -31.32 13.59
CA GLY A 93 -11.29 -30.76 14.90
C GLY A 93 -11.16 -29.26 14.91
N GLU A 94 -11.66 -28.60 13.88
CA GLU A 94 -11.62 -27.15 13.83
C GLU A 94 -12.74 -26.69 12.91
N THR A 95 -13.04 -25.40 13.00
CA THR A 95 -13.88 -24.72 12.03
C THR A 95 -12.97 -23.93 11.10
N PHE A 96 -13.19 -24.08 9.80
CA PHE A 96 -12.25 -23.60 8.77
C PHE A 96 -13.03 -22.89 7.68
N PHE A 97 -12.66 -21.66 7.39
CA PHE A 97 -13.22 -20.91 6.28
C PHE A 97 -12.08 -20.34 5.44
N MET A 98 -12.30 -20.21 4.14
CA MET A 98 -11.27 -19.68 3.27
C MET A 98 -11.92 -18.93 2.13
N CYS A 99 -11.23 -17.87 1.68
CA CYS A 99 -11.57 -17.23 0.42
C CYS A 99 -10.31 -16.90 -0.36
N SER A 100 -10.50 -16.66 -1.66
CA SER A 100 -9.45 -16.05 -2.46
C SER A 100 -10.10 -15.06 -3.38
N CYS A 101 -9.29 -14.14 -3.89
CA CYS A 101 -9.85 -13.03 -4.63
C CYS A 101 -8.71 -12.33 -5.37
N SER A 102 -9.07 -11.56 -6.39
CA SER A 102 -8.08 -11.03 -7.31
C SER A 102 -8.30 -9.54 -7.57
N SER A 103 -8.51 -8.78 -6.51
CA SER A 103 -8.39 -7.33 -6.57
C SER A 103 -7.51 -6.87 -5.42
N ASP A 104 -6.86 -5.74 -5.59
CA ASP A 104 -5.84 -5.31 -4.64
C ASP A 104 -6.39 -5.17 -3.21
N GLU A 105 -5.67 -5.75 -2.26
CA GLU A 105 -6.05 -5.78 -0.83
C GLU A 105 -7.42 -6.39 -0.61
N CYS A 106 -7.87 -7.28 -1.47
CA CYS A 106 -9.22 -7.80 -1.29
C CYS A 106 -9.34 -8.73 -0.11
N ASN A 107 -8.25 -9.33 0.37
CA ASN A 107 -8.29 -10.15 1.57
C ASN A 107 -8.14 -9.32 2.85
N ASP A 108 -8.34 -8.01 2.75
CA ASP A 108 -8.45 -7.19 3.93
C ASP A 108 -9.86 -7.18 4.50
N ASN A 109 -10.88 -7.35 3.68
CA ASN A 109 -12.26 -7.34 4.15
C ASN A 109 -12.85 -8.73 3.97
N ILE A 110 -12.95 -9.45 5.08
CA ILE A 110 -13.35 -10.85 5.13
C ILE A 110 -14.87 -10.88 5.31
N ILE A 111 -15.58 -11.48 4.36
CA ILE A 111 -17.04 -11.46 4.36
C ILE A 111 -17.55 -12.88 4.57
N PHE A 112 -18.32 -13.10 5.63
CA PHE A 112 -18.96 -14.38 5.85
C PHE A 112 -20.37 -14.42 5.31
N SER A 113 -21.10 -13.31 5.36
CA SER A 113 -22.42 -13.21 4.73
C SER A 113 -22.78 -11.75 4.45
N ALA B 1 19.65 29.41 -1.45
CA ALA B 1 18.64 28.93 -2.43
C ALA B 1 17.24 29.27 -1.98
N LEU B 2 16.27 29.01 -2.85
CA LEU B 2 14.87 29.11 -2.47
C LEU B 2 14.47 27.77 -1.84
N ASP B 3 14.90 27.59 -0.59
CA ASP B 3 14.72 26.35 0.18
C ASP B 3 13.92 26.62 1.46
N ALA B 4 13.80 25.60 2.30
CA ALA B 4 12.89 25.71 3.44
C ALA B 4 13.36 26.79 4.39
N ALA B 5 14.67 26.91 4.57
CA ALA B 5 15.22 27.96 5.41
C ALA B 5 14.64 29.32 5.02
N TYR B 6 14.86 29.72 3.78
CA TYR B 6 14.47 31.05 3.33
C TYR B 6 12.95 31.19 3.15
N CYS B 7 12.26 30.12 2.74
CA CYS B 7 10.88 30.28 2.27
C CYS B 7 9.83 30.06 3.34
N PHE B 8 9.98 29.03 4.18
CA PHE B 8 8.89 28.65 5.07
C PHE B 8 8.66 29.68 6.16
N ARG B 9 9.73 30.23 6.72
CA ARG B 9 9.60 31.20 7.79
C ARG B 9 8.83 32.43 7.32
N ASN B 10 9.09 32.88 6.11
CA ASN B 10 8.52 34.12 5.59
C ASN B 10 7.77 33.88 4.29
N VAL B 11 6.46 33.64 4.40
CA VAL B 11 5.64 33.29 3.25
C VAL B 11 5.34 34.53 2.42
N GLN B 12 5.79 34.54 1.16
CA GLN B 12 5.51 35.63 0.25
C GLN B 12 4.87 35.07 -1.02
N ASP B 13 4.43 35.99 -1.89
CA ASP B 13 3.89 35.61 -3.20
C ASP B 13 4.97 35.27 -4.21
N ASN B 14 6.23 35.57 -3.94
CA ASN B 14 7.32 35.24 -4.85
C ASN B 14 7.55 33.72 -4.90
N CYS B 15 8.12 33.27 -6.02
CA CYS B 15 8.55 31.88 -6.17
C CYS B 15 9.31 31.41 -4.95
N CYS B 16 8.90 30.25 -4.41
CA CYS B 16 9.49 29.76 -3.19
C CYS B 16 9.02 28.32 -2.96
N LEU B 17 9.79 27.61 -2.15
CA LEU B 17 9.36 26.31 -1.67
C LEU B 17 8.15 26.46 -0.76
N ARG B 18 7.15 25.59 -0.97
CA ARG B 18 5.93 25.54 -0.16
C ARG B 18 5.81 24.19 0.53
N PRO B 19 5.34 24.14 1.76
CA PRO B 19 5.12 22.84 2.41
C PRO B 19 4.02 22.06 1.74
N LEU B 20 4.15 20.74 1.77
CA LEU B 20 3.07 19.91 1.28
C LEU B 20 3.30 18.50 1.81
N TYR B 21 2.30 17.95 2.46
CA TYR B 21 2.39 16.61 3.04
C TYR B 21 1.60 15.67 2.16
N ILE B 22 2.23 14.59 1.74
CA ILE B 22 1.64 13.64 0.80
C ILE B 22 1.46 12.33 1.53
N ASP B 23 0.22 11.83 1.54
CA ASP B 23 -0.14 10.52 2.07
C ASP B 23 -0.21 9.53 0.90
N PHE B 24 0.58 8.46 0.97
CA PHE B 24 0.69 7.61 -0.22
C PHE B 24 -0.66 7.05 -0.62
N ARG B 25 -1.40 6.53 0.34
CA ARG B 25 -2.68 5.90 0.02
C ARG B 25 -3.70 6.95 -0.42
N LYS B 26 -3.80 8.04 0.33
CA LYS B 26 -4.86 9.02 0.05
C LYS B 26 -4.57 9.88 -1.16
N ASP B 27 -3.33 10.31 -1.34
CA ASP B 27 -3.01 11.29 -2.38
C ASP B 27 -2.43 10.69 -3.63
N LEU B 28 -1.67 9.61 -3.54
CA LEU B 28 -1.08 9.02 -4.73
C LEU B 28 -1.76 7.73 -5.16
N GLY B 29 -2.66 7.21 -4.36
CA GLY B 29 -3.17 5.89 -4.62
C GLY B 29 -2.16 4.79 -4.48
N TRP B 30 -1.01 5.03 -3.84
CA TRP B 30 -0.03 3.96 -3.65
C TRP B 30 -0.37 3.24 -2.35
N LYS B 31 -0.67 1.95 -2.44
CA LYS B 31 -1.05 1.17 -1.27
C LYS B 31 0.05 0.20 -0.87
N TRP B 32 1.13 0.15 -1.64
CA TRP B 32 2.18 -0.83 -1.45
C TRP B 32 3.28 -0.37 -0.51
N ILE B 33 3.22 0.85 0.00
CA ILE B 33 4.29 1.34 0.85
C ILE B 33 3.92 1.03 2.28
N HIS B 34 4.76 0.27 2.96
CA HIS B 34 4.51 -0.08 4.35
C HIS B 34 4.79 1.08 5.29
N GLU B 35 5.97 1.69 5.17
CA GLU B 35 6.29 2.90 5.93
C GLU B 35 7.15 3.81 5.07
N PRO B 36 7.02 5.14 5.24
CA PRO B 36 6.09 5.88 6.09
C PRO B 36 4.72 5.95 5.42
N LYS B 37 3.67 6.35 6.16
CA LYS B 37 2.34 6.51 5.57
C LYS B 37 2.26 7.73 4.66
N GLY B 38 3.10 8.73 4.89
CA GLY B 38 3.13 9.92 4.05
C GLY B 38 4.43 10.63 4.28
N TYR B 39 4.62 11.75 3.58
CA TYR B 39 5.89 12.44 3.75
C TYR B 39 5.73 13.89 3.30
N ASN B 40 6.71 14.70 3.70
CA ASN B 40 6.74 16.12 3.36
C ASN B 40 7.42 16.28 2.02
N ALA B 41 6.60 16.36 0.98
CA ALA B 41 7.11 16.41 -0.38
C ALA B 41 7.44 17.83 -0.77
N ASN B 42 6.62 18.78 -0.30
CA ASN B 42 6.75 20.19 -0.64
C ASN B 42 6.45 20.42 -2.11
N PHE B 43 6.36 21.68 -2.53
CA PHE B 43 6.33 22.01 -3.95
C PHE B 43 6.75 23.46 -4.12
N CYS B 44 6.86 23.86 -5.37
CA CYS B 44 7.32 25.19 -5.77
C CYS B 44 6.17 25.97 -6.39
N ALA B 45 5.98 27.20 -5.94
CA ALA B 45 4.99 28.06 -6.56
C ALA B 45 5.27 29.51 -6.21
N GLY B 46 4.82 30.41 -7.07
CA GLY B 46 4.93 31.82 -6.80
C GLY B 46 5.39 32.63 -7.99
N ALA B 47 5.30 33.94 -7.88
CA ALA B 47 5.62 34.83 -8.99
C ALA B 47 7.12 34.88 -9.26
N CYS B 48 7.50 34.93 -10.53
CA CYS B 48 8.88 35.03 -10.96
C CYS B 48 9.08 36.34 -11.71
N PRO B 49 10.13 37.10 -11.42
CA PRO B 49 10.35 38.34 -12.18
C PRO B 49 10.59 38.03 -13.65
N TYR B 50 9.96 38.81 -14.51
CA TYR B 50 10.28 38.75 -15.93
C TYR B 50 11.79 38.85 -16.07
N ARG B 51 12.37 38.01 -16.91
CA ARG B 51 13.81 37.94 -16.99
C ARG B 51 14.19 37.44 -18.37
N ALA B 52 15.30 37.95 -18.88
CA ALA B 52 15.69 37.70 -20.26
C ALA B 52 14.55 38.16 -21.15
N SER B 53 13.83 37.24 -21.78
CA SER B 53 12.74 37.68 -22.64
C SER B 53 11.48 36.88 -22.41
N LYS B 54 11.21 36.45 -21.17
CA LYS B 54 10.03 35.64 -20.90
C LYS B 54 9.61 35.78 -19.44
N SER B 55 8.36 35.40 -19.20
CA SER B 55 7.82 35.30 -17.86
C SER B 55 8.16 33.91 -17.31
N PRO B 56 9.16 33.77 -16.45
CA PRO B 56 9.59 32.43 -16.03
C PRO B 56 8.53 31.75 -15.19
N SER B 57 8.78 30.47 -14.92
CA SER B 57 7.90 29.64 -14.12
C SER B 57 8.66 29.13 -12.91
N CYS B 58 7.95 29.06 -11.78
CA CYS B 58 8.53 28.61 -10.51
C CYS B 58 8.56 27.09 -10.50
N VAL B 59 9.77 26.51 -10.56
CA VAL B 59 9.91 25.09 -10.79
C VAL B 59 10.91 24.51 -9.78
N SER B 60 10.78 23.21 -9.55
CA SER B 60 11.71 22.56 -8.64
C SER B 60 13.12 22.59 -9.24
N GLN B 61 14.09 22.55 -8.35
CA GLN B 61 15.48 22.52 -8.71
C GLN B 61 16.07 21.26 -8.09
N ASP B 62 16.44 21.32 -6.82
CA ASP B 62 17.03 20.17 -6.14
C ASP B 62 15.94 19.28 -5.57
N LEU B 63 16.06 17.98 -5.82
CA LEU B 63 15.17 16.98 -5.24
C LEU B 63 15.94 16.05 -4.33
N GLU B 64 15.22 15.42 -3.41
CA GLU B 64 15.83 14.46 -2.50
C GLU B 64 15.00 13.19 -2.48
N PRO B 65 15.60 12.09 -2.04
CA PRO B 65 14.90 10.80 -1.99
C PRO B 65 14.13 10.64 -0.69
N LEU B 66 13.27 9.63 -0.67
CA LEU B 66 12.55 9.22 0.51
C LEU B 66 12.86 7.76 0.76
N THR B 67 13.33 7.45 1.97
CA THR B 67 13.56 6.06 2.31
C THR B 67 12.24 5.42 2.68
N ILE B 68 11.99 4.22 2.12
CA ILE B 68 10.72 3.53 2.32
C ILE B 68 10.96 2.08 2.75
N VAL B 69 9.92 1.50 3.35
CA VAL B 69 9.82 0.07 3.62
C VAL B 69 8.64 -0.46 2.84
N TYR B 70 8.83 -1.57 2.13
CA TYR B 70 7.71 -2.21 1.46
C TYR B 70 7.96 -3.72 1.45
N TYR B 71 6.89 -4.47 1.26
CA TYR B 71 6.97 -5.92 1.22
C TYR B 71 6.83 -6.45 -0.20
N VAL B 72 7.69 -7.39 -0.55
CA VAL B 72 7.48 -8.26 -1.69
C VAL B 72 7.30 -9.67 -1.13
N GLY B 73 6.15 -10.26 -1.41
CA GLY B 73 5.85 -11.49 -0.70
C GLY B 73 5.80 -11.20 0.77
N ARG B 74 6.39 -12.09 1.58
CA ARG B 74 6.46 -11.85 3.01
C ARG B 74 7.76 -11.17 3.45
N LYS B 75 8.59 -10.73 2.50
CA LYS B 75 9.94 -10.23 2.79
C LYS B 75 9.95 -8.70 2.77
N PRO B 76 10.34 -8.04 3.85
CA PRO B 76 10.37 -6.57 3.83
C PRO B 76 11.65 -6.08 3.17
N LYS B 77 11.52 -4.95 2.48
CA LYS B 77 12.63 -4.36 1.77
C LYS B 77 12.73 -2.90 2.21
N VAL B 78 13.96 -2.40 2.33
CA VAL B 78 14.18 -0.99 2.65
C VAL B 78 14.95 -0.40 1.48
N GLU B 79 14.49 0.74 0.97
CA GLU B 79 15.08 1.29 -0.24
C GLU B 79 14.82 2.79 -0.28
N GLN B 80 15.68 3.51 -0.99
CA GLN B 80 15.42 4.92 -1.24
C GLN B 80 14.68 5.05 -2.57
N LEU B 81 13.64 5.86 -2.58
CA LEU B 81 12.95 6.29 -3.77
C LEU B 81 13.47 7.65 -4.16
N SER B 82 14.04 7.74 -5.34
CA SER B 82 14.59 9.01 -5.82
C SER B 82 13.49 10.00 -6.18
N ASN B 83 13.84 11.29 -6.09
CA ASN B 83 13.06 12.35 -6.73
C ASN B 83 11.67 12.49 -6.12
N MET B 84 11.59 12.39 -4.80
CA MET B 84 10.31 12.42 -4.11
C MET B 84 10.04 13.73 -3.41
N ILE B 85 11.09 14.46 -3.01
CA ILE B 85 10.97 15.64 -2.16
C ILE B 85 11.58 16.82 -2.88
N VAL B 86 10.86 17.93 -2.95
CA VAL B 86 11.41 19.16 -3.52
C VAL B 86 12.18 19.86 -2.40
N LYS B 87 13.46 20.09 -2.62
CA LYS B 87 14.29 20.80 -1.63
C LYS B 87 14.48 22.27 -1.95
N SER B 88 14.45 22.66 -3.21
CA SER B 88 14.61 24.07 -3.54
C SER B 88 13.95 24.33 -4.88
N CYS B 89 13.72 25.61 -5.15
CA CYS B 89 13.00 26.06 -6.32
C CYS B 89 13.89 27.03 -7.06
N LYS B 90 13.54 27.23 -8.32
CA LYS B 90 14.16 28.26 -9.14
C LYS B 90 13.11 28.83 -10.08
N CYS B 91 13.39 30.04 -10.55
CA CYS B 91 12.62 30.64 -11.63
C CYS B 91 13.33 30.23 -12.91
N SER B 92 12.60 29.59 -13.81
CA SER B 92 13.18 29.13 -15.03
C SER B 92 12.21 29.28 -16.18
#